data_1BOO
#
_entry.id   1BOO
#
_cell.length_a   48.800
_cell.length_b   112.400
_cell.length_c   59.300
_cell.angle_alpha   90.00
_cell.angle_beta   109.20
_cell.angle_gamma   90.00
#
_symmetry.space_group_name_H-M   'P 1 21 1'
#
loop_
_entity.id
_entity.type
_entity.pdbx_description
1 polymer 'PROTEIN (N-4 CYTOSINE-SPECIFIC METHYLTRANSFERASE PVU II)'
2 non-polymer S-ADENOSYL-L-HOMOCYSTEINE
#
_entity_poly.entity_id   1
_entity_poly.type   'polypeptide(L)'
_entity_poly.pdbx_seq_one_letter_code
;MLNFGKKPAYTTSNGSMYIGDSLELLESFPEESISLVMTSPPFALQRKKEYGNLEQHEYVDWFLSFAKVVNKKLKPDGSF
VVDFGGAYMKGVPARSIYNFRVLIRMIDEVGFFLAEDFYWFNPSKLPSPIEWVNKRKIRVKDAVNTVWWFSKTEWPKSDI
TKVLAPYSDRMKKLIEDPDKFYTPKTRPSGHDIGKSFSKDNGGSIPPNLLQISNSESNGQYLANCKLMGIKAHPARFPAK
LPEFFIRMLTEPDDLVVDIFGGSNTTGLVAERESRKWISFEMKPEYVAASAFRFLDNNISEEKITDIYNRILNGESLDLN
SII
;
_entity_poly.pdbx_strand_id   A
#
# COMPACT_ATOMS: atom_id res chain seq x y z
N ASN A 3 -14.43 -6.46 -15.28
CA ASN A 3 -15.12 -5.22 -14.84
C ASN A 3 -14.31 -3.95 -15.21
N PHE A 4 -13.00 -4.06 -15.05
CA PHE A 4 -12.09 -2.96 -15.34
C PHE A 4 -11.84 -2.94 -16.84
N GLY A 5 -11.27 -1.84 -17.36
CA GLY A 5 -11.04 -1.73 -18.79
C GLY A 5 -9.86 -2.50 -19.35
N LYS A 6 -9.27 -3.38 -18.53
CA LYS A 6 -8.09 -4.14 -18.93
C LYS A 6 -8.20 -5.58 -18.39
N LYS A 7 -7.15 -6.37 -18.61
CA LYS A 7 -7.12 -7.74 -18.09
C LYS A 7 -6.02 -7.79 -17.05
N PRO A 8 -6.26 -8.47 -15.94
CA PRO A 8 -5.29 -8.59 -14.86
C PRO A 8 -3.98 -9.19 -15.32
N ALA A 9 -2.88 -8.75 -14.72
CA ALA A 9 -1.57 -9.30 -15.03
C ALA A 9 -1.62 -10.77 -14.64
N TYR A 10 -2.15 -11.05 -13.45
CA TYR A 10 -2.28 -12.41 -12.93
C TYR A 10 -3.48 -12.53 -12.01
N THR A 11 -3.96 -13.74 -11.79
CA THR A 11 -5.13 -13.96 -10.95
C THR A 11 -4.90 -15.15 -10.06
N THR A 12 -5.46 -15.11 -8.85
CA THR A 12 -5.33 -16.23 -7.93
C THR A 12 -6.75 -16.53 -7.39
N SER A 13 -6.82 -17.44 -6.42
CA SER A 13 -8.09 -17.84 -5.82
C SER A 13 -9.03 -16.69 -5.42
N ASN A 14 -8.57 -15.77 -4.56
CA ASN A 14 -9.38 -14.63 -4.07
C ASN A 14 -9.25 -13.28 -4.78
N GLY A 15 -8.29 -13.10 -5.69
CA GLY A 15 -8.19 -11.79 -6.32
C GLY A 15 -7.36 -11.73 -7.58
N SER A 16 -7.06 -10.51 -8.04
CA SER A 16 -6.29 -10.32 -9.26
C SER A 16 -5.64 -8.93 -9.30
N MET A 17 -4.43 -8.83 -9.90
CA MET A 17 -3.67 -7.58 -9.91
C MET A 17 -3.65 -7.09 -11.35
N TYR A 18 -3.82 -5.74 -11.51
CA TYR A 18 -3.79 -5.05 -12.81
C TYR A 18 -2.60 -4.10 -12.94
N ILE A 19 -2.15 -3.87 -14.16
CA ILE A 19 -1.06 -2.93 -14.43
C ILE A 19 -1.78 -1.69 -14.94
N GLY A 20 -1.48 -0.51 -14.40
CA GLY A 20 -2.17 0.68 -14.90
C GLY A 20 -2.29 1.81 -13.91
N ASP A 21 -2.97 2.87 -14.34
CA ASP A 21 -3.16 4.03 -13.48
C ASP A 21 -4.42 3.79 -12.63
N SER A 22 -4.25 3.79 -11.31
CA SER A 22 -5.39 3.55 -10.42
C SER A 22 -6.47 4.64 -10.42
N LEU A 23 -6.13 5.87 -10.77
CA LEU A 23 -7.13 6.94 -10.82
C LEU A 23 -8.13 6.70 -11.96
N GLU A 24 -7.79 5.79 -12.87
CA GLU A 24 -8.68 5.45 -13.99
C GLU A 24 -9.41 4.18 -13.63
N LEU A 25 -8.63 3.18 -13.28
CA LEU A 25 -9.18 1.89 -12.91
C LEU A 25 -10.21 1.94 -11.77
N LEU A 26 -10.05 2.84 -10.80
CA LEU A 26 -11.01 2.93 -9.69
C LEU A 26 -12.43 3.10 -10.18
N GLU A 27 -12.61 3.90 -11.23
CA GLU A 27 -13.93 4.19 -11.79
C GLU A 27 -14.73 2.96 -12.24
N SER A 28 -14.04 1.84 -12.44
CA SER A 28 -14.71 0.62 -12.87
C SER A 28 -15.38 -0.13 -11.74
N PHE A 29 -15.09 0.29 -10.52
CA PHE A 29 -15.72 -0.33 -9.37
C PHE A 29 -17.10 0.25 -9.25
N PRO A 30 -18.12 -0.56 -9.01
CA PRO A 30 -19.38 0.13 -8.74
C PRO A 30 -19.22 1.10 -7.60
N GLU A 31 -20.25 1.56 -7.09
CA GLU A 31 -20.14 2.48 -5.96
C GLU A 31 -20.51 1.73 -4.69
N GLU A 32 -20.02 2.26 -3.59
CA GLU A 32 -20.23 1.65 -2.30
C GLU A 32 -20.07 0.14 -2.46
N SER A 33 -18.90 -0.26 -2.94
CA SER A 33 -18.58 -1.66 -3.15
C SER A 33 -17.37 -2.12 -2.34
N ILE A 34 -16.41 -1.21 -2.11
CA ILE A 34 -15.19 -1.54 -1.35
C ILE A 34 -15.35 -1.41 0.17
N SER A 35 -14.81 -2.36 0.91
CA SER A 35 -14.88 -2.32 2.36
C SER A 35 -13.62 -1.68 2.97
N LEU A 36 -12.45 -1.92 2.34
CA LEU A 36 -11.18 -1.36 2.82
C LEU A 36 -10.20 -1.05 1.71
N VAL A 37 -9.72 0.18 1.63
CA VAL A 37 -8.69 0.51 0.65
C VAL A 37 -7.46 0.72 1.51
N MET A 38 -6.44 -0.11 1.30
CA MET A 38 -5.27 0.00 2.11
C MET A 38 -4.03 0.21 1.28
N THR A 39 -3.33 1.35 1.43
CA THR A 39 -2.12 1.64 0.67
C THR A 39 -1.18 2.49 1.43
N SER A 40 -0.03 2.72 0.80
CA SER A 40 1.03 3.61 1.26
C SER A 40 1.57 4.19 -0.06
N PRO A 41 1.14 5.42 -0.41
CA PRO A 41 1.54 6.14 -1.62
C PRO A 41 3.05 6.28 -1.91
N PRO A 42 3.41 6.42 -3.20
CA PRO A 42 4.78 6.57 -3.65
C PRO A 42 5.25 8.02 -3.35
N PHE A 43 6.20 8.23 -2.45
CA PHE A 43 6.61 9.61 -2.24
C PHE A 43 8.09 9.86 -2.56
N ALA A 44 8.21 10.75 -3.53
CA ALA A 44 9.47 11.30 -4.06
C ALA A 44 9.16 12.76 -4.57
N LEU A 45 9.71 13.78 -3.96
CA LEU A 45 9.67 15.20 -4.34
C LEU A 45 8.39 15.50 -5.12
N GLN A 46 7.22 15.48 -4.48
CA GLN A 46 5.91 15.86 -5.09
C GLN A 46 5.22 14.65 -5.72
N ARG A 47 4.90 14.83 -6.99
CA ARG A 47 4.23 13.84 -7.85
C ARG A 47 3.42 14.59 -8.93
N LYS A 48 3.13 13.84 -9.98
CA LYS A 48 2.40 14.28 -11.22
C LYS A 48 1.53 15.53 -10.95
N LYS A 49 2.07 16.66 -11.41
CA LYS A 49 1.43 17.99 -11.30
C LYS A 49 2.46 19.08 -11.64
N GLU A 50 2.22 19.75 -12.75
CA GLU A 50 3.12 20.79 -13.30
C GLU A 50 3.19 22.05 -12.41
N TYR A 51 4.30 22.77 -12.63
CA TYR A 51 4.62 24.05 -11.94
C TYR A 51 5.90 23.91 -11.08
N GLY A 52 5.71 23.27 -9.92
CA GLY A 52 6.80 23.01 -8.92
C GLY A 52 6.69 23.99 -7.72
N ASN A 53 5.46 24.49 -7.57
CA ASN A 53 4.99 25.54 -6.60
C ASN A 53 5.42 25.37 -5.11
N LEU A 54 5.33 24.16 -4.64
CA LEU A 54 5.69 23.75 -3.27
C LEU A 54 5.24 22.33 -3.15
N GLU A 55 6.15 21.50 -3.57
CA GLU A 55 5.98 20.07 -3.63
C GLU A 55 4.88 19.62 -2.67
N GLN A 56 4.91 20.20 -1.49
CA GLN A 56 3.93 19.88 -0.43
C GLN A 56 2.53 20.05 -0.98
N HIS A 57 2.28 21.16 -1.64
CA HIS A 57 0.95 21.36 -2.19
C HIS A 57 0.65 20.53 -3.47
N GLU A 58 1.63 20.45 -4.37
CA GLU A 58 1.46 19.68 -5.62
C GLU A 58 1.14 18.21 -5.31
N TYR A 59 1.94 17.60 -4.42
CA TYR A 59 1.75 16.23 -3.97
C TYR A 59 0.36 16.08 -3.40
N VAL A 60 -0.01 16.97 -2.49
CA VAL A 60 -1.33 16.90 -1.89
C VAL A 60 -2.45 16.85 -2.94
N ASP A 61 -2.46 17.78 -3.89
CA ASP A 61 -3.49 17.79 -4.94
C ASP A 61 -3.58 16.49 -5.71
N TRP A 62 -2.41 15.98 -6.08
CA TRP A 62 -2.28 14.71 -6.81
C TRP A 62 -3.01 13.61 -6.05
N PHE A 63 -2.64 13.45 -4.78
CA PHE A 63 -3.23 12.43 -3.95
C PHE A 63 -4.71 12.66 -3.67
N LEU A 64 -5.14 13.91 -3.49
CA LEU A 64 -6.54 14.18 -3.20
C LEU A 64 -7.46 13.70 -4.30
N SER A 65 -6.94 13.63 -5.53
CA SER A 65 -7.72 13.13 -6.67
C SER A 65 -8.16 11.68 -6.40
N PHE A 66 -7.21 10.85 -5.99
CA PHE A 66 -7.47 9.47 -5.68
C PHE A 66 -8.43 9.42 -4.51
N ALA A 67 -8.17 10.27 -3.52
CA ALA A 67 -9.04 10.30 -2.34
C ALA A 67 -10.50 10.51 -2.77
N LYS A 68 -10.76 11.48 -3.63
CA LYS A 68 -12.11 11.75 -4.08
C LYS A 68 -12.84 10.51 -4.66
N VAL A 69 -12.21 9.84 -5.63
CA VAL A 69 -12.80 8.66 -6.24
C VAL A 69 -12.98 7.54 -5.23
N VAL A 70 -12.03 7.38 -4.30
CA VAL A 70 -12.12 6.34 -3.29
C VAL A 70 -13.30 6.59 -2.34
N ASN A 71 -13.65 7.85 -2.15
CA ASN A 71 -14.78 8.16 -1.28
C ASN A 71 -16.02 7.51 -1.90
N LYS A 72 -16.25 7.79 -3.18
CA LYS A 72 -17.39 7.25 -3.91
C LYS A 72 -17.49 5.71 -3.92
N LYS A 73 -16.36 5.06 -4.10
CA LYS A 73 -16.36 3.62 -4.18
C LYS A 73 -16.41 2.87 -2.86
N LEU A 74 -16.15 3.55 -1.76
CA LEU A 74 -16.17 2.86 -0.46
C LEU A 74 -17.59 2.71 0.06
N LYS A 75 -17.88 1.58 0.71
CA LYS A 75 -19.20 1.36 1.31
C LYS A 75 -19.31 2.37 2.46
N PRO A 76 -20.54 2.68 2.91
CA PRO A 76 -20.71 3.65 4.01
C PRO A 76 -19.92 3.29 5.28
N ASP A 77 -19.76 1.99 5.52
CA ASP A 77 -18.99 1.49 6.68
C ASP A 77 -17.53 1.22 6.30
N GLY A 78 -17.16 1.63 5.09
CA GLY A 78 -15.82 1.42 4.57
C GLY A 78 -14.74 2.32 5.11
N SER A 79 -13.51 1.83 5.06
CA SER A 79 -12.33 2.55 5.53
C SER A 79 -11.24 2.72 4.47
N PHE A 80 -10.48 3.80 4.60
CA PHE A 80 -9.38 4.13 3.70
C PHE A 80 -8.16 4.41 4.58
N VAL A 81 -7.35 3.37 4.85
CA VAL A 81 -6.14 3.46 5.68
C VAL A 81 -4.95 3.77 4.73
N VAL A 82 -4.21 4.84 5.04
CA VAL A 82 -3.11 5.33 4.21
C VAL A 82 -1.78 5.44 4.95
N ASP A 83 -0.73 4.76 4.47
CA ASP A 83 0.60 4.82 5.12
C ASP A 83 1.52 5.90 4.47
N PHE A 84 2.06 6.79 5.30
CA PHE A 84 2.93 7.90 4.90
C PHE A 84 4.20 7.95 5.73
N GLY A 85 5.32 8.28 5.09
CA GLY A 85 6.55 8.34 5.83
C GLY A 85 6.99 9.79 5.91
N GLY A 86 7.62 10.14 7.02
CA GLY A 86 8.09 11.50 7.17
C GLY A 86 9.12 11.88 6.11
N ALA A 87 9.45 13.16 6.00
CA ALA A 87 10.43 13.59 5.02
C ALA A 87 10.91 14.96 5.35
N TYR A 88 12.21 15.17 5.14
CA TYR A 88 12.83 16.46 5.35
C TYR A 88 12.76 17.17 4.01
N MET A 89 13.20 18.41 3.94
CA MET A 89 13.17 19.14 2.68
C MET A 89 14.59 19.16 2.13
N LYS A 90 14.74 19.51 0.85
CA LYS A 90 16.04 19.54 0.22
C LYS A 90 17.06 20.44 0.92
N GLY A 91 18.19 19.81 1.26
CA GLY A 91 19.31 20.48 1.89
C GLY A 91 19.05 21.33 3.10
N VAL A 92 18.20 20.88 4.00
CA VAL A 92 17.88 21.66 5.18
C VAL A 92 17.24 20.69 6.16
N PRO A 93 17.51 20.84 7.47
CA PRO A 93 16.88 19.90 8.41
C PRO A 93 15.57 20.47 8.94
N ALA A 94 14.61 20.67 8.04
CA ALA A 94 13.30 21.20 8.39
C ALA A 94 12.36 20.18 7.75
N ARG A 95 11.41 19.68 8.53
CA ARG A 95 10.50 18.68 8.02
C ARG A 95 9.44 19.20 7.06
N SER A 96 9.05 18.31 6.16
CA SER A 96 8.01 18.56 5.17
C SER A 96 6.83 18.12 6.02
N ILE A 97 5.67 18.76 5.85
CA ILE A 97 4.49 18.35 6.60
C ILE A 97 3.41 17.99 5.59
N TYR A 98 3.83 17.41 4.45
CA TYR A 98 2.91 17.01 3.40
C TYR A 98 1.94 15.97 3.92
N ASN A 99 2.41 15.04 4.75
CA ASN A 99 1.51 14.02 5.31
C ASN A 99 0.44 14.57 6.26
N PHE A 100 0.68 15.75 6.82
CA PHE A 100 -0.27 16.37 7.71
C PHE A 100 -1.20 17.27 6.91
N ARG A 101 -0.73 17.81 5.80
CA ARG A 101 -1.58 18.67 4.95
C ARG A 101 -2.66 17.82 4.30
N VAL A 102 -2.30 16.59 3.95
CA VAL A 102 -3.21 15.65 3.34
C VAL A 102 -4.35 15.45 4.30
N LEU A 103 -3.99 15.23 5.56
CA LEU A 103 -4.96 15.01 6.64
C LEU A 103 -5.98 16.14 6.73
N ILE A 104 -5.53 17.36 6.94
CA ILE A 104 -6.48 18.45 7.05
C ILE A 104 -7.40 18.61 5.84
N ARG A 105 -6.86 18.56 4.62
CA ARG A 105 -7.68 18.75 3.44
C ARG A 105 -8.58 17.59 3.11
N MET A 106 -8.28 16.46 3.72
CA MET A 106 -9.10 15.27 3.50
C MET A 106 -10.40 15.45 4.30
N ILE A 107 -10.30 16.04 5.49
CA ILE A 107 -11.48 16.27 6.30
C ILE A 107 -12.25 17.52 5.80
N ASP A 108 -11.53 18.61 5.59
CA ASP A 108 -12.10 19.86 5.12
C ASP A 108 -12.67 19.87 3.72
N GLU A 109 -11.88 19.41 2.75
CA GLU A 109 -12.27 19.43 1.34
C GLU A 109 -12.94 18.15 0.79
N VAL A 110 -12.37 17.00 1.11
CA VAL A 110 -12.97 15.77 0.60
C VAL A 110 -14.14 15.24 1.44
N GLY A 111 -14.11 15.45 2.75
CA GLY A 111 -15.21 15.01 3.57
C GLY A 111 -15.05 13.65 4.23
N PHE A 112 -13.82 13.24 4.46
CA PHE A 112 -13.56 11.97 5.11
C PHE A 112 -13.59 12.24 6.62
N PHE A 113 -13.45 11.21 7.43
CA PHE A 113 -13.42 11.40 8.87
C PHE A 113 -12.17 10.65 9.34
N LEU A 114 -11.45 11.19 10.31
CA LEU A 114 -10.31 10.45 10.82
C LEU A 114 -10.86 9.52 11.92
N ALA A 115 -11.14 8.27 11.57
CA ALA A 115 -11.65 7.31 12.55
C ALA A 115 -10.68 7.23 13.72
N GLU A 116 -9.39 7.17 13.41
CA GLU A 116 -8.35 7.15 14.43
C GLU A 116 -6.96 7.28 13.81
N ASP A 117 -6.09 8.06 14.42
CA ASP A 117 -4.75 8.21 13.90
C ASP A 117 -3.88 7.09 14.44
N PHE A 118 -3.20 6.34 13.56
CA PHE A 118 -2.30 5.24 13.98
C PHE A 118 -0.85 5.64 13.78
N TYR A 119 0.10 4.96 14.44
CA TYR A 119 1.52 5.29 14.30
C TYR A 119 2.36 4.03 14.26
N TRP A 120 3.12 3.85 13.17
CA TRP A 120 3.99 2.67 12.95
C TRP A 120 5.47 2.93 13.20
N PHE A 121 5.98 2.25 14.23
CA PHE A 121 7.37 2.34 14.64
C PHE A 121 8.17 1.17 14.02
N ASN A 122 9.00 1.51 13.01
CA ASN A 122 9.86 0.54 12.32
C ASN A 122 11.26 0.76 12.81
N PRO A 123 11.68 -0.02 13.80
CA PRO A 123 13.02 0.09 14.38
C PRO A 123 14.15 0.16 13.35
N SER A 124 14.11 -0.75 12.39
CA SER A 124 15.11 -0.84 11.34
C SER A 124 14.72 -0.04 10.08
N LYS A 125 15.12 1.22 10.00
CA LYS A 125 14.75 2.02 8.85
C LYS A 125 15.96 2.82 8.36
N LEU A 126 16.34 2.49 7.14
CA LEU A 126 17.52 3.08 6.46
C LEU A 126 17.29 4.51 5.96
N PRO A 127 16.09 4.96 5.51
CA PRO A 127 15.91 6.30 4.97
C PRO A 127 16.32 7.34 5.96
N SER A 128 16.67 6.94 7.17
CA SER A 128 17.15 7.86 8.22
C SER A 128 18.31 8.71 7.58
N PRO A 129 18.20 10.08 7.38
CA PRO A 129 19.09 10.94 6.63
C PRO A 129 20.39 11.09 7.36
N ILE A 130 21.39 10.36 6.91
CA ILE A 130 22.71 10.36 7.55
C ILE A 130 23.30 11.75 7.84
N GLU A 131 23.14 12.67 6.91
CA GLU A 131 23.64 14.03 7.06
C GLU A 131 23.24 14.71 8.38
N TRP A 132 21.97 14.61 8.75
CA TRP A 132 21.43 15.20 9.97
C TRP A 132 21.58 14.34 11.22
N VAL A 133 21.47 13.03 11.09
CA VAL A 133 21.59 12.10 12.22
C VAL A 133 23.03 11.66 12.54
N ASN A 134 23.55 10.66 11.82
CA ASN A 134 24.92 10.11 12.00
C ASN A 134 26.07 11.09 11.94
N LYS A 135 26.07 11.91 10.88
CA LYS A 135 27.13 12.91 10.66
C LYS A 135 26.99 14.15 11.56
N ARG A 136 26.12 15.07 11.19
CA ARG A 136 25.93 16.28 12.00
C ARG A 136 25.42 16.02 13.42
N LYS A 137 24.73 14.92 13.63
CA LYS A 137 24.18 14.59 14.95
C LYS A 137 23.16 15.60 15.49
N ILE A 138 22.40 16.20 14.58
CA ILE A 138 21.37 17.18 14.91
C ILE A 138 19.90 16.74 14.90
N ARG A 139 19.59 15.50 14.51
CA ARG A 139 18.21 14.98 14.50
C ARG A 139 18.29 13.53 14.91
N VAL A 140 17.20 12.95 15.36
CA VAL A 140 17.22 11.57 15.80
C VAL A 140 16.66 10.65 14.70
N LYS A 141 16.86 9.34 14.84
CA LYS A 141 16.38 8.39 13.85
C LYS A 141 14.93 8.60 13.51
N ASP A 142 14.70 8.96 12.26
CA ASP A 142 13.34 9.15 11.73
C ASP A 142 12.80 7.71 11.70
N ALA A 143 11.94 7.33 12.65
CA ALA A 143 11.44 5.95 12.70
C ALA A 143 9.96 5.68 12.88
N VAL A 144 9.13 6.72 12.81
CA VAL A 144 7.69 6.58 12.97
C VAL A 144 6.94 7.11 11.74
N ASN A 145 6.03 6.29 11.23
CA ASN A 145 5.21 6.60 10.05
C ASN A 145 3.79 6.91 10.47
N THR A 146 3.20 7.92 9.83
CA THR A 146 1.85 8.34 10.14
C THR A 146 0.88 7.53 9.30
N VAL A 147 0.21 6.56 9.92
CA VAL A 147 -0.75 5.74 9.21
C VAL A 147 -2.09 6.35 9.57
N TRP A 148 -2.80 6.92 8.61
CA TRP A 148 -4.08 7.55 8.89
C TRP A 148 -5.24 6.60 8.50
N TRP A 149 -6.07 6.22 9.48
CA TRP A 149 -7.22 5.36 9.23
C TRP A 149 -8.34 6.32 8.94
N PHE A 150 -8.76 6.48 7.69
CA PHE A 150 -9.87 7.40 7.36
C PHE A 150 -11.09 6.51 7.21
N SER A 151 -12.29 7.10 7.29
CA SER A 151 -13.52 6.33 7.16
C SER A 151 -14.57 7.17 6.47
N LYS A 152 -15.44 6.54 5.69
CA LYS A 152 -16.46 7.28 4.98
C LYS A 152 -17.49 7.96 5.88
N THR A 153 -17.71 7.40 7.07
CA THR A 153 -18.66 7.98 8.03
C THR A 153 -18.02 7.87 9.40
N GLU A 154 -18.66 8.46 10.40
CA GLU A 154 -18.11 8.43 11.75
C GLU A 154 -18.15 7.02 12.33
N TRP A 155 -18.85 6.13 11.63
CA TRP A 155 -19.03 4.76 12.09
C TRP A 155 -18.57 3.67 11.13
N PRO A 156 -17.26 3.61 10.83
CA PRO A 156 -16.86 2.54 9.91
C PRO A 156 -16.87 1.23 10.64
N LYS A 157 -16.95 0.15 9.87
CA LYS A 157 -16.96 -1.20 10.41
C LYS A 157 -15.62 -1.52 11.07
N SER A 158 -15.63 -1.85 12.36
CA SER A 158 -14.43 -2.16 13.14
C SER A 158 -14.73 -3.10 14.35
N ASP A 159 -13.78 -3.97 14.68
CA ASP A 159 -13.90 -4.90 15.83
C ASP A 159 -12.52 -5.21 16.42
N ILE A 160 -12.14 -4.47 17.46
CA ILE A 160 -10.82 -4.67 18.05
C ILE A 160 -10.53 -6.02 18.72
N THR A 161 -11.52 -6.88 18.86
CA THR A 161 -11.24 -8.16 19.51
C THR A 161 -10.55 -9.18 18.59
N LYS A 162 -10.56 -8.90 17.28
CA LYS A 162 -9.91 -9.75 16.29
C LYS A 162 -8.43 -9.37 16.22
N VAL A 163 -8.12 -8.24 16.85
CA VAL A 163 -6.78 -7.69 16.87
C VAL A 163 -6.19 -7.68 18.29
N LEU A 164 -6.89 -8.34 19.21
CA LEU A 164 -6.46 -8.41 20.60
C LEU A 164 -5.02 -8.85 20.77
N ALA A 165 -4.32 -8.20 21.69
CA ALA A 165 -2.93 -8.49 22.00
C ALA A 165 -2.79 -9.85 22.70
N SER A 204 -6.31 -8.27 26.43
CA SER A 204 -5.29 -7.25 26.23
C SER A 204 -5.51 -6.37 25.01
N ILE A 205 -6.22 -5.26 25.23
CA ILE A 205 -6.52 -4.28 24.20
C ILE A 205 -5.24 -3.57 23.77
N PRO A 206 -4.89 -3.67 22.48
CA PRO A 206 -3.69 -3.05 21.93
C PRO A 206 -3.84 -1.54 21.79
N PRO A 207 -2.71 -0.82 21.60
CA PRO A 207 -2.76 0.64 21.46
C PRO A 207 -2.72 1.19 20.04
N ASN A 208 -2.52 2.51 20.03
CA ASN A 208 -2.40 3.40 18.89
C ASN A 208 -1.10 3.15 18.12
N LEU A 209 -0.11 2.60 18.84
CA LEU A 209 1.21 2.30 18.32
C LEU A 209 1.46 0.84 17.93
N LEU A 210 1.86 0.68 16.67
CA LEU A 210 2.15 -0.61 16.07
C LEU A 210 3.67 -0.72 15.94
N GLN A 211 4.29 -1.67 16.59
CA GLN A 211 5.73 -1.81 16.45
C GLN A 211 6.04 -3.02 15.55
N ILE A 212 6.33 -2.77 14.28
CA ILE A 212 6.66 -3.83 13.31
C ILE A 212 7.95 -3.41 12.60
N SER A 213 8.68 -4.37 12.02
CA SER A 213 9.93 -4.12 11.29
C SER A 213 9.76 -4.85 9.94
N ASN A 214 10.31 -4.31 8.84
CA ASN A 214 10.11 -4.94 7.52
C ASN A 214 10.44 -6.40 7.36
N SER A 215 11.60 -6.83 7.73
CA SER A 215 11.92 -8.22 7.47
C SER A 215 11.99 -9.07 8.73
N GLU A 216 10.95 -9.86 8.82
CA GLU A 216 10.74 -10.89 9.83
C GLU A 216 10.37 -12.12 9.03
N SER A 217 10.90 -12.03 7.80
CA SER A 217 10.71 -13.01 6.75
C SER A 217 11.99 -13.13 5.89
N ASN A 218 11.95 -14.18 5.11
CA ASN A 218 12.97 -14.56 4.12
C ASN A 218 12.20 -14.72 2.81
N GLY A 219 11.31 -15.69 2.79
CA GLY A 219 10.45 -15.95 1.64
C GLY A 219 10.98 -16.15 0.23
N GLN A 220 10.13 -16.77 -0.57
CA GLN A 220 10.43 -17.09 -1.96
C GLN A 220 10.42 -15.88 -2.89
N TYR A 221 9.74 -14.80 -2.52
CA TYR A 221 9.70 -13.60 -3.36
C TYR A 221 11.10 -13.02 -3.41
N LEU A 222 11.79 -12.99 -2.27
CA LEU A 222 13.12 -12.42 -2.22
C LEU A 222 14.07 -13.29 -3.00
N ALA A 223 13.94 -14.61 -2.83
CA ALA A 223 14.78 -15.59 -3.53
C ALA A 223 14.55 -15.56 -5.05
N ASN A 224 13.29 -15.60 -5.47
CA ASN A 224 12.90 -15.54 -6.87
C ASN A 224 13.32 -14.21 -7.48
N CYS A 225 13.35 -13.15 -6.68
CA CYS A 225 13.80 -11.87 -7.19
C CYS A 225 15.29 -12.02 -7.49
N LYS A 226 16.05 -12.49 -6.50
CA LYS A 226 17.49 -12.71 -6.66
C LYS A 226 17.78 -13.54 -7.90
N LEU A 227 16.89 -14.49 -8.20
CA LEU A 227 16.99 -15.39 -9.35
C LEU A 227 17.01 -14.66 -10.70
N MET A 228 16.10 -13.71 -10.82
CA MET A 228 15.96 -12.94 -12.03
C MET A 228 16.99 -11.85 -12.13
N GLY A 229 17.88 -11.77 -11.14
CA GLY A 229 18.90 -10.72 -11.14
C GLY A 229 18.25 -9.34 -11.03
N ILE A 230 17.10 -9.32 -10.38
CA ILE A 230 16.31 -8.10 -10.20
C ILE A 230 16.32 -7.69 -8.72
N LYS A 231 15.98 -6.44 -8.46
CA LYS A 231 15.92 -5.94 -7.09
C LYS A 231 14.47 -5.92 -6.62
N ALA A 232 14.26 -6.35 -5.39
CA ALA A 232 12.93 -6.37 -4.80
C ALA A 232 12.42 -4.93 -4.67
N HIS A 233 11.11 -4.74 -4.58
CA HIS A 233 10.55 -3.40 -4.44
C HIS A 233 11.35 -2.53 -3.46
N PRO A 234 11.81 -1.34 -3.90
CA PRO A 234 12.58 -0.41 -3.08
C PRO A 234 11.93 0.01 -1.77
N ALA A 235 10.61 0.12 -1.76
CA ALA A 235 9.92 0.52 -0.55
C ALA A 235 8.59 -0.22 -0.37
N ARG A 236 8.60 -1.31 0.42
CA ARG A 236 7.42 -2.11 0.68
C ARG A 236 7.26 -2.26 2.19
N PHE A 237 6.03 -2.48 2.66
CA PHE A 237 5.79 -2.61 4.10
C PHE A 237 5.61 -4.05 4.58
N PRO A 238 5.91 -4.33 5.85
CA PRO A 238 5.79 -5.66 6.46
C PRO A 238 4.35 -6.15 6.34
N ALA A 239 4.16 -7.47 6.22
CA ALA A 239 2.82 -8.07 6.09
C ALA A 239 1.91 -7.79 7.27
N LYS A 240 2.50 -7.67 8.47
CA LYS A 240 1.74 -7.41 9.69
C LYS A 240 0.98 -6.09 9.69
N LEU A 241 1.41 -5.16 8.85
CA LEU A 241 0.76 -3.86 8.78
C LEU A 241 -0.62 -4.08 8.18
N PRO A 242 -0.71 -4.41 6.87
CA PRO A 242 -2.08 -4.59 6.39
C PRO A 242 -2.84 -5.72 7.09
N GLU A 243 -2.13 -6.69 7.68
CA GLU A 243 -2.85 -7.76 8.35
C GLU A 243 -3.70 -7.18 9.46
N PHE A 244 -3.11 -6.29 10.24
CA PHE A 244 -3.79 -5.68 11.35
C PHE A 244 -5.05 -5.00 10.92
N PHE A 245 -4.98 -4.26 9.82
CA PHE A 245 -6.16 -3.55 9.37
C PHE A 245 -7.18 -4.41 8.61
N ILE A 246 -6.72 -5.50 7.98
CA ILE A 246 -7.60 -6.40 7.26
C ILE A 246 -8.45 -7.14 8.29
N ARG A 247 -7.80 -7.65 9.31
CA ARG A 247 -8.49 -8.36 10.39
C ARG A 247 -9.46 -7.47 11.18
N MET A 248 -9.05 -6.25 11.46
CA MET A 248 -9.86 -5.34 12.25
C MET A 248 -11.06 -4.73 11.57
N LEU A 249 -10.94 -4.33 10.32
CA LEU A 249 -12.06 -3.64 9.65
C LEU A 249 -12.85 -4.42 8.61
N THR A 250 -12.47 -5.67 8.35
CA THR A 250 -13.18 -6.47 7.34
C THR A 250 -13.42 -7.91 7.80
N GLU A 251 -14.42 -8.54 7.23
CA GLU A 251 -14.74 -9.92 7.55
C GLU A 251 -14.43 -10.75 6.28
N PRO A 252 -14.34 -12.09 6.41
CA PRO A 252 -14.06 -12.95 5.26
C PRO A 252 -14.94 -12.64 4.11
N ASP A 253 -14.36 -12.68 2.91
CA ASP A 253 -15.07 -12.38 1.67
C ASP A 253 -15.32 -10.91 1.36
N ASP A 254 -14.71 -10.03 2.16
CA ASP A 254 -14.84 -8.59 1.93
C ASP A 254 -13.77 -8.21 0.92
N LEU A 255 -14.04 -7.18 0.12
CA LEU A 255 -13.12 -6.69 -0.91
C LEU A 255 -12.11 -5.64 -0.38
N VAL A 256 -10.83 -6.02 -0.32
CA VAL A 256 -9.69 -5.20 0.12
C VAL A 256 -8.93 -4.72 -1.13
N VAL A 257 -8.97 -3.42 -1.43
CA VAL A 257 -8.28 -2.90 -2.61
C VAL A 257 -6.99 -2.17 -2.19
N ASP A 258 -5.97 -2.17 -3.07
CA ASP A 258 -4.71 -1.45 -2.81
C ASP A 258 -4.37 -0.68 -4.09
N ILE A 259 -4.52 0.63 -4.07
CA ILE A 259 -4.29 1.43 -5.26
C ILE A 259 -2.84 1.75 -5.72
N PHE A 260 -1.85 1.29 -4.95
CA PHE A 260 -0.42 1.48 -5.27
C PHE A 260 0.22 0.15 -4.85
N GLY A 261 -0.23 -0.93 -5.47
CA GLY A 261 0.23 -2.26 -5.14
C GLY A 261 1.66 -2.54 -4.79
N GLY A 262 2.60 -2.12 -5.63
CA GLY A 262 4.00 -2.38 -5.37
C GLY A 262 4.23 -3.87 -5.43
N SER A 263 4.74 -4.44 -4.35
CA SER A 263 5.00 -5.87 -4.32
C SER A 263 3.75 -6.70 -3.96
N ASN A 264 2.62 -6.01 -3.78
CA ASN A 264 1.32 -6.63 -3.45
C ASN A 264 1.25 -7.37 -2.15
N THR A 265 1.90 -6.84 -1.11
CA THR A 265 1.84 -7.46 0.22
C THR A 265 0.37 -7.58 0.65
N THR A 266 -0.40 -6.54 0.34
CA THR A 266 -1.81 -6.49 0.69
C THR A 266 -2.52 -7.69 0.14
N GLY A 267 -2.69 -7.75 -1.17
CA GLY A 267 -3.34 -8.90 -1.77
C GLY A 267 -2.84 -10.22 -1.17
N LEU A 268 -1.54 -10.31 -0.91
CA LEU A 268 -1.01 -11.52 -0.31
C LEU A 268 -1.71 -11.77 1.02
N VAL A 269 -1.71 -10.79 1.91
CA VAL A 269 -2.35 -10.94 3.22
C VAL A 269 -3.83 -11.21 3.07
N ALA A 270 -4.51 -10.38 2.28
CA ALA A 270 -5.93 -10.52 2.04
C ALA A 270 -6.27 -11.92 1.55
N GLU A 271 -5.28 -12.60 0.94
CA GLU A 271 -5.48 -13.96 0.45
C GLU A 271 -5.47 -14.95 1.60
N ARG A 272 -4.39 -14.98 2.36
CA ARG A 272 -4.31 -15.92 3.45
C ARG A 272 -5.27 -15.67 4.61
N GLU A 273 -6.00 -14.56 4.57
CA GLU A 273 -6.98 -14.25 5.61
C GLU A 273 -8.40 -14.43 5.05
N SER A 274 -8.48 -14.84 3.79
CA SER A 274 -9.74 -15.11 3.12
C SER A 274 -10.65 -13.94 2.81
N ARG A 275 -10.07 -12.85 2.28
CA ARG A 275 -10.84 -11.68 1.85
C ARG A 275 -10.62 -11.72 0.37
N LYS A 276 -11.39 -10.92 -0.36
CA LYS A 276 -11.28 -10.79 -1.82
C LYS A 276 -10.44 -9.55 -1.99
N TRP A 277 -9.58 -9.52 -3.00
CA TRP A 277 -8.74 -8.35 -3.22
C TRP A 277 -8.56 -7.96 -4.68
N ILE A 278 -8.05 -6.76 -4.90
CA ILE A 278 -7.74 -6.23 -6.22
C ILE A 278 -6.66 -5.16 -6.05
N SER A 279 -5.57 -5.25 -6.81
CA SER A 279 -4.52 -4.27 -6.66
C SER A 279 -4.20 -3.62 -8.00
N PHE A 280 -3.77 -2.37 -7.96
CA PHE A 280 -3.40 -1.66 -9.18
C PHE A 280 -1.97 -1.19 -8.95
N GLU A 281 -1.13 -1.33 -9.97
CA GLU A 281 0.27 -0.88 -9.90
C GLU A 281 0.65 -0.43 -11.29
N MET A 282 1.42 0.64 -11.39
CA MET A 282 1.81 1.17 -12.69
C MET A 282 2.98 0.45 -13.38
N LYS A 283 3.99 0.03 -12.60
CA LYS A 283 5.17 -0.64 -13.14
C LYS A 283 5.03 -2.16 -13.25
N PRO A 284 5.23 -2.68 -14.47
CA PRO A 284 5.15 -4.11 -14.79
C PRO A 284 6.15 -4.97 -14.05
N GLU A 285 7.32 -4.41 -13.72
CA GLU A 285 8.35 -5.18 -13.00
C GLU A 285 7.85 -5.55 -11.62
N TYR A 286 7.16 -4.60 -11.00
CA TYR A 286 6.64 -4.77 -9.66
C TYR A 286 5.54 -5.82 -9.66
N VAL A 287 4.61 -5.70 -10.59
CA VAL A 287 3.53 -6.69 -10.70
C VAL A 287 4.11 -8.08 -10.97
N ALA A 288 4.98 -8.18 -11.96
CA ALA A 288 5.58 -9.45 -12.31
C ALA A 288 6.25 -10.15 -11.11
N ALA A 289 7.13 -9.43 -10.42
CA ALA A 289 7.82 -10.01 -9.28
C ALA A 289 6.84 -10.36 -8.16
N SER A 290 5.80 -9.54 -8.00
CA SER A 290 4.84 -9.76 -6.92
C SER A 290 4.15 -11.09 -7.06
N ALA A 291 3.98 -11.54 -8.31
CA ALA A 291 3.33 -12.82 -8.58
C ALA A 291 4.04 -13.94 -7.81
N PHE A 292 5.35 -13.85 -7.69
CA PHE A 292 6.14 -14.87 -6.97
C PHE A 292 5.57 -15.17 -5.60
N ARG A 293 5.06 -14.13 -4.95
CA ARG A 293 4.48 -14.25 -3.60
C ARG A 293 3.41 -15.31 -3.51
N PHE A 294 2.74 -15.56 -4.63
CA PHE A 294 1.67 -16.54 -4.65
C PHE A 294 2.03 -17.94 -5.15
N LEU A 295 3.32 -18.32 -5.10
CA LEU A 295 3.75 -19.64 -5.57
C LEU A 295 4.41 -20.42 -4.46
N ASP A 296 5.08 -21.54 -4.78
CA ASP A 296 5.78 -22.35 -3.77
C ASP A 296 7.23 -22.65 -4.16
N ASN A 297 8.01 -23.23 -3.26
CA ASN A 297 9.41 -23.60 -3.52
C ASN A 297 9.52 -24.58 -4.68
N ASN A 298 8.48 -25.42 -4.78
CA ASN A 298 8.34 -26.45 -5.82
C ASN A 298 7.94 -25.91 -7.20
N ILE A 299 8.81 -25.10 -7.81
CA ILE A 299 8.55 -24.56 -9.14
C ILE A 299 9.87 -24.31 -9.87
N SER A 300 10.00 -24.98 -11.02
CA SER A 300 11.20 -24.88 -11.85
C SER A 300 11.61 -23.42 -12.03
N GLU A 301 12.92 -23.17 -11.94
CA GLU A 301 13.41 -21.80 -12.14
C GLU A 301 13.01 -21.35 -13.55
N GLU A 302 12.96 -22.33 -14.44
CA GLU A 302 12.57 -22.12 -15.84
C GLU A 302 11.10 -21.72 -15.96
N LYS A 303 10.30 -22.12 -14.97
CA LYS A 303 8.89 -21.77 -14.96
C LYS A 303 8.72 -20.39 -14.35
N ILE A 304 9.59 -20.06 -13.38
CA ILE A 304 9.54 -18.74 -12.75
C ILE A 304 9.82 -17.65 -13.78
N THR A 305 10.91 -17.79 -14.53
CA THR A 305 11.22 -16.76 -15.52
C THR A 305 10.11 -16.65 -16.55
N ASP A 306 9.47 -17.77 -16.88
CA ASP A 306 8.37 -17.80 -17.87
C ASP A 306 7.21 -16.95 -17.36
N ILE A 307 6.85 -17.17 -16.10
CA ILE A 307 5.78 -16.43 -15.43
C ILE A 307 6.17 -14.95 -15.38
N TYR A 308 7.41 -14.67 -14.99
CA TYR A 308 7.87 -13.29 -14.91
C TYR A 308 7.77 -12.59 -16.27
N ASN A 309 8.42 -13.16 -17.28
CA ASN A 309 8.42 -12.55 -18.61
C ASN A 309 7.05 -12.49 -19.27
N ARG A 310 6.23 -13.50 -19.08
CA ARG A 310 4.90 -13.48 -19.70
C ARG A 310 4.03 -12.36 -19.16
N ILE A 311 4.15 -12.09 -17.86
CA ILE A 311 3.42 -11.00 -17.22
C ILE A 311 4.03 -9.71 -17.73
N LEU A 312 5.35 -9.66 -17.75
CA LEU A 312 6.08 -8.48 -18.25
C LEU A 312 5.76 -8.22 -19.72
N ASN A 313 5.20 -9.20 -20.39
CA ASN A 313 4.84 -9.10 -21.80
C ASN A 313 3.36 -8.77 -22.03
N GLY A 314 2.62 -8.54 -20.95
CA GLY A 314 1.22 -8.20 -21.06
C GLY A 314 0.25 -9.36 -21.05
N GLU A 315 0.74 -10.54 -20.79
CA GLU A 315 -0.16 -11.69 -20.75
C GLU A 315 -0.93 -11.71 -19.43
N SER A 316 -2.05 -12.43 -19.45
CA SER A 316 -2.92 -12.58 -18.29
C SER A 316 -2.82 -13.99 -17.71
N LEU A 317 -2.02 -14.17 -16.68
CA LEU A 317 -1.82 -15.48 -16.09
C LEU A 317 -2.85 -15.82 -15.03
N ASP A 318 -3.38 -17.01 -15.12
CA ASP A 318 -4.33 -17.46 -14.13
C ASP A 318 -3.53 -18.33 -13.15
N LEU A 319 -2.89 -17.69 -12.18
CA LEU A 319 -2.08 -18.41 -11.19
C LEU A 319 -2.78 -19.49 -10.35
N ASN A 320 -4.10 -19.55 -10.39
CA ASN A 320 -4.80 -20.56 -9.57
C ASN A 320 -4.39 -22.02 -9.89
N SER A 321 -3.87 -22.23 -11.09
CA SER A 321 -3.40 -23.55 -11.51
C SER A 321 -2.38 -23.39 -12.65
N ILE A 322 -1.11 -23.62 -12.29
CA ILE A 322 0.08 -23.56 -13.17
C ILE A 322 0.26 -22.29 -14.04
#